data_5ZNI
#
_entry.id   5ZNI
#
_cell.length_a   95.591
_cell.length_b   95.591
_cell.length_c   136.571
_cell.angle_alpha   90.000
_cell.angle_beta   90.000
_cell.angle_gamma   120.000
#
_symmetry.space_group_name_H-M   'H 3 2'
#
loop_
_entity.id
_entity.type
_entity.pdbx_description
1 polymer 'Purine nucleoside phosphorylase'
2 non-polymer 'PHOSPHATE ION'
3 non-polymer '(11R,12S)- Mefloquine'
4 water water
#
_entity_poly.entity_id   1
_entity_poly.type   'polypeptide(L)'
_entity_poly.pdbx_seq_one_letter_code
;MDNLLRHLKISKEQITPVVLVVGDPGRVDKIKVVCDSYVDLAYNREYKSVECHYKGQKFLCVSHGVGSAGCAVCFEELCQ
NGAKVIIRAGSCGSLQPDLIKRGDICICNAAVREDRVSHLLIHGDFPAVGDFDVYDTLNKCAQELNVPVFNGISVSSDMY
YPNKIIPSRLEDYSKANAAVVEMELATLMVIGTLRKVKTGGILIVDGCPFKWDEGDFDNNLVPHQLENMIKIALGACAKL
ATKYA
;
_entity_poly.pdbx_strand_id   A
#
# COMPACT_ATOMS: atom_id res chain seq x y z
N ASN A 3 -7.86 -4.28 25.93
CA ASN A 3 -6.99 -3.22 25.49
C ASN A 3 -6.93 -3.25 23.99
N LEU A 4 -8.02 -2.86 23.40
CA LEU A 4 -8.16 -2.91 21.94
C LEU A 4 -7.71 -1.57 21.29
N LEU A 5 -7.26 -1.64 20.05
CA LEU A 5 -6.89 -0.46 19.30
C LEU A 5 -8.21 0.25 19.02
N ARG A 6 -8.23 1.57 19.05
CA ARG A 6 -9.48 2.28 18.97
C ARG A 6 -10.29 2.04 17.69
N HIS A 7 -9.65 2.03 16.52
CA HIS A 7 -10.43 1.84 15.28
C HIS A 7 -10.31 0.48 14.66
N LEU A 8 -9.14 -0.14 14.76
CA LEU A 8 -8.95 -1.51 14.27
C LEU A 8 -9.62 -2.57 15.17
N LYS A 9 -9.84 -2.24 16.45
CA LYS A 9 -10.52 -3.15 17.40
C LYS A 9 -9.83 -4.52 17.52
N ILE A 10 -8.53 -4.48 17.42
CA ILE A 10 -7.67 -5.60 17.65
C ILE A 10 -6.73 -5.15 18.75
N SER A 11 -6.03 -6.10 19.29
CA SER A 11 -5.14 -5.78 20.34
C SER A 11 -3.75 -5.88 19.88
N LYS A 12 -2.87 -5.22 20.62
CA LYS A 12 -1.44 -5.19 20.40
C LYS A 12 -0.81 -6.54 20.16
N GLU A 13 -1.21 -7.56 20.91
CA GLU A 13 -0.71 -8.92 20.74
C GLU A 13 -1.12 -9.59 19.43
N GLN A 14 -2.18 -9.12 18.81
CA GLN A 14 -2.64 -9.62 17.57
C GLN A 14 -1.88 -9.04 16.38
N ILE A 15 -1.06 -8.02 16.60
CA ILE A 15 -0.29 -7.39 15.57
C ILE A 15 1.00 -8.10 15.21
N THR A 16 1.09 -8.60 14.00
CA THR A 16 2.29 -9.26 13.52
C THR A 16 3.35 -8.23 13.07
N PRO A 17 4.61 -8.65 12.89
CA PRO A 17 5.63 -7.75 12.40
C PRO A 17 5.36 -7.22 10.97
N VAL A 18 4.88 -8.08 10.08
CA VAL A 18 4.49 -7.73 8.73
C VAL A 18 2.96 -7.61 8.59
N VAL A 19 2.53 -6.53 7.93
CA VAL A 19 1.12 -6.28 7.65
C VAL A 19 1.01 -5.90 6.16
N LEU A 20 0.14 -6.63 5.50
CA LEU A 20 -0.36 -6.25 4.23
C LEU A 20 -1.57 -5.34 4.40
N VAL A 21 -1.55 -4.16 3.77
CA VAL A 21 -2.71 -3.25 3.78
C VAL A 21 -3.30 -3.05 2.39
N VAL A 22 -4.62 -2.91 2.35
CA VAL A 22 -5.37 -2.70 1.13
C VAL A 22 -6.49 -1.74 1.46
N GLY A 23 -7.03 -1.10 0.47
CA GLY A 23 -8.08 -0.17 0.71
C GLY A 23 -9.43 -0.70 1.07
N ASP A 24 -9.89 -1.65 0.30
CA ASP A 24 -11.21 -2.23 0.43
C ASP A 24 -11.32 -3.40 1.38
N PRO A 25 -12.17 -3.31 2.39
CA PRO A 25 -12.38 -4.54 3.23
C PRO A 25 -12.74 -5.82 2.46
N GLY A 26 -13.47 -5.72 1.35
CA GLY A 26 -13.74 -6.85 0.46
C GLY A 26 -12.51 -7.50 -0.17
N ARG A 27 -11.47 -6.71 -0.38
CA ARG A 27 -10.23 -7.21 -0.88
C ARG A 27 -9.57 -8.10 0.15
N VAL A 28 -9.70 -7.80 1.43
CA VAL A 28 -9.15 -8.65 2.50
C VAL A 28 -9.74 -10.08 2.42
N ASP A 29 -11.05 -10.14 2.23
CA ASP A 29 -11.76 -11.39 2.08
C ASP A 29 -11.25 -12.24 0.87
N LYS A 30 -10.95 -11.59 -0.26
CA LYS A 30 -10.46 -12.28 -1.47
C LYS A 30 -9.01 -12.67 -1.35
N ILE A 31 -8.29 -11.95 -0.51
CA ILE A 31 -6.90 -12.28 -0.23
C ILE A 31 -6.84 -13.43 0.75
N LYS A 32 -7.62 -13.39 1.84
CA LYS A 32 -7.47 -14.41 2.90
C LYS A 32 -7.66 -15.84 2.37
N VAL A 33 -8.64 -16.03 1.48
CA VAL A 33 -8.99 -17.36 0.95
C VAL A 33 -7.91 -17.92 0.01
N VAL A 34 -7.00 -17.07 -0.45
CA VAL A 34 -5.87 -17.48 -1.28
C VAL A 34 -4.68 -17.87 -0.43
N CYS A 35 -4.71 -17.61 0.86
CA CYS A 35 -3.66 -18.08 1.78
C CYS A 35 -3.92 -19.54 2.16
N ASP A 36 -3.02 -20.15 2.91
CA ASP A 36 -3.16 -21.55 3.26
C ASP A 36 -4.31 -21.73 4.29
N SER A 37 -4.37 -20.77 5.22
CA SER A 37 -5.48 -20.61 6.16
C SER A 37 -5.53 -19.16 6.68
N TYR A 38 -6.54 -18.88 7.50
CA TYR A 38 -6.70 -17.55 8.09
C TYR A 38 -7.54 -17.56 9.32
N VAL A 39 -7.40 -16.49 10.10
CA VAL A 39 -8.27 -16.20 11.25
C VAL A 39 -8.80 -14.75 11.18
N ASP A 40 -10.12 -14.62 10.98
CA ASP A 40 -10.85 -13.36 11.12
C ASP A 40 -10.65 -12.78 12.51
N LEU A 41 -10.15 -11.55 12.62
CA LEU A 41 -9.90 -10.90 13.90
C LEU A 41 -10.94 -9.85 14.28
N ALA A 42 -11.24 -8.94 13.34
CA ALA A 42 -12.20 -7.83 13.57
C ALA A 42 -12.64 -7.15 12.31
N TYR A 43 -13.73 -6.41 12.42
CA TYR A 43 -14.28 -5.59 11.39
C TYR A 43 -15.02 -4.41 12.00
N ASN A 44 -14.42 -3.23 11.91
CA ASN A 44 -14.98 -2.02 12.50
C ASN A 44 -14.82 -0.91 11.51
N ARG A 45 -15.92 -0.26 11.18
CA ARG A 45 -15.95 0.74 10.14
C ARG A 45 -15.38 0.09 8.84
N GLU A 46 -14.49 0.79 8.14
CA GLU A 46 -13.85 0.27 6.94
C GLU A 46 -12.63 -0.57 7.25
N TYR A 47 -12.27 -0.71 8.52
CA TYR A 47 -11.04 -1.40 8.88
C TYR A 47 -11.32 -2.90 9.21
N LYS A 48 -10.99 -3.77 8.26
CA LYS A 48 -11.11 -5.24 8.41
C LYS A 48 -9.77 -5.86 8.58
N SER A 49 -9.61 -6.65 9.67
CA SER A 49 -8.31 -7.31 10.03
C SER A 49 -8.45 -8.85 10.06
N VAL A 50 -7.53 -9.53 9.40
CA VAL A 50 -7.52 -11.00 9.32
C VAL A 50 -6.08 -11.42 9.49
N GLU A 51 -5.83 -12.51 10.20
CA GLU A 51 -4.49 -13.10 10.26
C GLU A 51 -4.33 -14.10 9.12
N CYS A 52 -3.35 -13.86 8.24
CA CYS A 52 -3.09 -14.70 7.08
C CYS A 52 -1.99 -15.71 7.42
N HIS A 53 -2.09 -16.91 6.87
CA HIS A 53 -1.10 -17.97 7.06
C HIS A 53 -0.67 -18.39 5.70
N TYR A 54 0.60 -18.25 5.41
CA TYR A 54 1.07 -18.49 4.07
C TYR A 54 2.54 -18.89 4.08
N LYS A 55 2.88 -19.98 3.38
CA LYS A 55 4.23 -20.51 3.32
C LYS A 55 4.82 -20.63 4.74
N GLY A 56 4.05 -21.16 5.67
CA GLY A 56 4.53 -21.42 7.03
C GLY A 56 4.67 -20.19 7.91
N GLN A 57 4.38 -19.03 7.33
CA GLN A 57 4.44 -17.70 7.94
C GLN A 57 3.10 -17.08 8.33
N LYS A 58 3.16 -16.10 9.20
CA LYS A 58 2.03 -15.47 9.89
C LYS A 58 2.09 -13.94 9.68
N PHE A 59 1.06 -13.34 9.08
CA PHE A 59 1.02 -11.87 8.93
C PHE A 59 -0.39 -11.34 8.73
N LEU A 60 -0.72 -10.15 9.24
CA LEU A 60 -2.08 -9.62 9.06
C LEU A 60 -2.28 -9.04 7.70
N CYS A 61 -3.54 -9.06 7.24
CA CYS A 61 -4.03 -8.29 6.11
C CYS A 61 -5.10 -7.37 6.70
N VAL A 62 -4.95 -6.04 6.52
CA VAL A 62 -5.83 -5.03 7.13
C VAL A 62 -6.32 -4.08 6.01
N SER A 63 -7.63 -3.79 5.94
CA SER A 63 -8.14 -2.74 5.04
C SER A 63 -8.00 -1.36 5.68
N HIS A 64 -7.61 -0.33 4.90
CA HIS A 64 -7.34 1.06 5.42
C HIS A 64 -8.33 2.11 4.99
N GLY A 65 -9.26 1.75 4.10
CA GLY A 65 -10.26 2.69 3.59
C GLY A 65 -9.71 3.52 2.45
N VAL A 66 -10.62 4.29 1.84
CA VAL A 66 -10.23 5.24 0.86
C VAL A 66 -9.75 6.57 1.44
N GLY A 67 -8.53 6.96 1.03
CA GLY A 67 -8.02 8.28 1.25
C GLY A 67 -7.10 8.41 2.43
N SER A 68 -6.26 9.44 2.35
CA SER A 68 -5.11 9.60 3.21
C SER A 68 -5.39 9.71 4.73
N ALA A 69 -6.42 10.49 5.12
CA ALA A 69 -6.72 10.75 6.53
C ALA A 69 -7.30 9.52 7.21
N GLY A 70 -8.13 8.82 6.46
CA GLY A 70 -8.69 7.56 6.88
C GLY A 70 -7.61 6.50 7.08
N CYS A 71 -6.70 6.43 6.14
CA CYS A 71 -5.69 5.40 6.19
C CYS A 71 -4.66 5.74 7.25
N ALA A 72 -4.46 7.04 7.53
CA ALA A 72 -3.47 7.44 8.56
C ALA A 72 -3.90 6.91 9.89
N VAL A 73 -5.21 6.85 10.16
CA VAL A 73 -5.62 6.27 11.46
C VAL A 73 -5.27 4.80 11.57
N CYS A 74 -5.54 4.03 10.50
CA CYS A 74 -5.12 2.63 10.39
C CYS A 74 -3.63 2.48 10.64
N PHE A 75 -2.82 3.26 9.88
CA PHE A 75 -1.36 3.08 9.84
C PHE A 75 -0.72 3.50 11.14
N GLU A 76 -1.19 4.59 11.72
CA GLU A 76 -0.73 5.01 13.03
C GLU A 76 -1.02 3.95 14.10
N GLU A 77 -2.22 3.35 14.08
CA GLU A 77 -2.54 2.32 15.06
C GLU A 77 -1.64 1.10 14.90
N LEU A 78 -1.34 0.74 13.67
CA LEU A 78 -0.39 -0.36 13.42
C LEU A 78 1.00 -0.02 13.87
N CYS A 79 1.51 1.14 13.45
CA CYS A 79 2.92 1.51 13.64
C CYS A 79 3.30 1.75 15.10
N GLN A 80 2.37 2.34 15.84
CA GLN A 80 2.52 2.53 17.27
C GLN A 80 2.25 1.26 18.12
N ASN A 81 1.87 0.15 17.51
CA ASN A 81 1.57 -1.06 18.28
C ASN A 81 2.26 -2.36 17.86
N GLY A 82 3.42 -2.21 17.24
CA GLY A 82 4.35 -3.31 17.01
C GLY A 82 4.63 -3.72 15.59
N ALA A 83 3.91 -3.13 14.62
CA ALA A 83 4.17 -3.46 13.21
C ALA A 83 5.55 -2.90 12.78
N LYS A 84 6.30 -3.71 12.06
CA LYS A 84 7.65 -3.38 11.61
C LYS A 84 7.69 -3.18 10.07
N VAL A 85 6.79 -3.80 9.33
CA VAL A 85 6.82 -3.78 7.86
C VAL A 85 5.38 -3.67 7.41
N ILE A 86 5.07 -2.66 6.60
CA ILE A 86 3.71 -2.49 6.05
C ILE A 86 3.82 -2.37 4.54
N ILE A 87 3.13 -3.22 3.82
CA ILE A 87 3.16 -3.16 2.37
C ILE A 87 1.74 -2.92 1.95
N ARG A 88 1.55 -1.88 1.16
CA ARG A 88 0.30 -1.57 0.59
C ARG A 88 0.19 -2.22 -0.81
N ALA A 89 -0.92 -2.86 -1.05
CA ALA A 89 -1.24 -3.44 -2.31
C ALA A 89 -2.56 -2.88 -2.76
N GLY A 90 -2.60 -2.41 -3.97
CA GLY A 90 -3.77 -1.83 -4.55
C GLY A 90 -3.81 -1.48 -6.00
N SER A 91 -4.78 -0.68 -6.37
CA SER A 91 -4.91 -0.26 -7.72
C SER A 91 -4.49 1.19 -7.93
N CYS A 92 -4.28 1.57 -9.18
CA CYS A 92 -3.83 2.89 -9.54
C CYS A 92 -4.10 3.23 -10.97
N GLY A 93 -4.00 4.51 -11.24
CA GLY A 93 -4.10 5.02 -12.59
C GLY A 93 -2.70 5.11 -13.15
N SER A 94 -2.56 4.88 -14.46
CA SER A 94 -1.30 5.08 -15.14
C SER A 94 -1.05 6.55 -15.45
N LEU A 95 0.16 7.03 -15.21
CA LEU A 95 0.52 8.39 -15.63
C LEU A 95 1.39 8.41 -16.90
N GLN A 96 1.71 7.23 -17.43
CA GLN A 96 2.50 7.07 -18.66
C GLN A 96 1.77 6.06 -19.57
N PRO A 97 0.55 6.40 -20.04
CA PRO A 97 -0.33 5.48 -20.82
C PRO A 97 0.30 4.80 -22.09
N ASP A 98 1.28 5.44 -22.74
CA ASP A 98 2.07 4.80 -23.79
C ASP A 98 2.90 3.64 -23.28
N LEU A 99 3.43 3.76 -22.08
CA LEU A 99 4.37 2.76 -21.57
C LEU A 99 3.69 1.77 -20.64
N ILE A 100 2.82 2.23 -19.76
CA ILE A 100 2.28 1.43 -18.64
C ILE A 100 0.76 1.33 -18.82
N LYS A 101 0.26 0.11 -18.98
CA LYS A 101 -1.14 -0.12 -19.46
C LYS A 101 -1.98 -0.85 -18.44
N ARG A 102 -3.26 -1.05 -18.75
CA ARG A 102 -4.21 -1.78 -17.91
C ARG A 102 -3.64 -3.15 -17.57
N GLY A 103 -3.65 -3.48 -16.27
CA GLY A 103 -3.10 -4.73 -15.72
C GLY A 103 -1.63 -4.75 -15.41
N ASP A 104 -0.88 -3.74 -15.84
CA ASP A 104 0.54 -3.71 -15.52
C ASP A 104 0.68 -3.38 -14.03
N ILE A 105 1.79 -3.82 -13.48
CA ILE A 105 2.01 -3.85 -12.08
C ILE A 105 3.20 -2.95 -11.89
N CYS A 106 3.14 -2.08 -10.87
CA CYS A 106 4.21 -1.15 -10.54
C CYS A 106 4.57 -1.27 -9.08
N ILE A 107 5.84 -1.50 -8.79
CA ILE A 107 6.33 -1.54 -7.44
C ILE A 107 7.02 -0.16 -7.24
N CYS A 108 6.59 0.58 -6.23
CA CYS A 108 6.95 1.99 -6.04
C CYS A 108 7.98 2.22 -4.92
N ASN A 109 8.92 3.10 -5.20
CA ASN A 109 9.96 3.44 -4.30
C ASN A 109 9.73 4.71 -3.47
N ALA A 110 8.84 5.55 -3.91
CA ALA A 110 8.59 6.87 -3.32
C ALA A 110 7.27 7.40 -3.85
N ALA A 111 6.81 8.51 -3.30
CA ALA A 111 5.53 9.05 -3.69
C ALA A 111 5.43 10.56 -3.54
N VAL A 112 4.51 11.17 -4.30
CA VAL A 112 4.20 12.57 -4.22
C VAL A 112 3.21 12.78 -3.06
N ARG A 113 3.53 13.75 -2.22
CA ARG A 113 2.73 14.02 -1.00
C ARG A 113 1.54 14.99 -1.24
N GLU A 114 0.59 14.66 -2.13
CA GLU A 114 -0.57 15.48 -2.31
C GLU A 114 -1.71 15.07 -1.35
N ASP A 115 -1.37 15.00 -0.08
CA ASP A 115 -2.31 14.84 1.02
C ASP A 115 -2.23 16.08 1.93
N ARG A 116 -2.89 16.01 3.07
CA ARG A 116 -2.69 16.96 4.13
C ARG A 116 -2.01 16.34 5.36
N VAL A 117 -2.45 15.17 5.76
CA VAL A 117 -2.01 14.61 7.01
C VAL A 117 -0.47 14.52 7.08
N SER A 118 0.21 14.15 6.00
CA SER A 118 1.67 14.07 6.08
C SER A 118 2.25 15.43 6.38
N HIS A 119 1.63 16.47 5.81
CA HIS A 119 2.05 17.85 6.02
C HIS A 119 1.79 18.32 7.47
N LEU A 120 0.79 17.74 8.12
CA LEU A 120 0.53 17.96 9.57
C LEU A 120 1.49 17.22 10.48
N LEU A 121 2.18 16.24 9.91
CA LEU A 121 3.23 15.50 10.60
C LEU A 121 4.65 16.00 10.44
N ILE A 122 4.99 16.47 9.22
CA ILE A 122 6.35 16.93 8.88
C ILE A 122 6.35 17.84 7.64
N HIS A 123 7.25 18.81 7.65
CA HIS A 123 7.32 19.82 6.62
C HIS A 123 7.34 19.21 5.22
N GLY A 124 6.73 19.95 4.29
CA GLY A 124 6.58 19.50 2.91
C GLY A 124 7.85 19.04 2.23
N ASP A 125 9.03 19.60 2.59
CA ASP A 125 10.26 19.25 1.89
C ASP A 125 10.74 17.81 2.09
N PHE A 126 10.16 17.11 3.05
CA PHE A 126 10.63 15.79 3.45
C PHE A 126 10.07 14.81 2.45
N PRO A 127 10.88 13.84 2.03
CA PRO A 127 10.40 12.84 1.06
C PRO A 127 9.46 11.80 1.63
N ALA A 128 8.47 11.43 0.82
CA ALA A 128 7.73 10.20 0.96
C ALA A 128 8.52 9.11 0.19
N VAL A 129 9.20 8.25 0.94
CA VAL A 129 10.06 7.23 0.41
C VAL A 129 9.89 5.92 1.15
N GLY A 130 9.81 4.83 0.40
CA GLY A 130 9.66 3.49 1.01
C GLY A 130 11.03 2.94 1.44
N ASP A 131 11.01 1.85 2.21
CA ASP A 131 12.24 1.12 2.60
C ASP A 131 12.76 0.35 1.38
N PHE A 132 14.07 0.44 1.14
CA PHE A 132 14.67 -0.22 -0.04
C PHE A 132 14.55 -1.71 0.05
N ASP A 133 14.73 -2.26 1.25
CA ASP A 133 14.69 -3.68 1.42
C ASP A 133 13.30 -4.18 1.05
N VAL A 134 12.24 -3.51 1.50
CA VAL A 134 10.89 -3.96 1.14
C VAL A 134 10.71 -3.92 -0.40
N TYR A 135 11.29 -2.90 -1.02
CA TYR A 135 11.19 -2.75 -2.47
C TYR A 135 11.96 -3.85 -3.18
N ASP A 136 13.15 -4.16 -2.67
CA ASP A 136 13.98 -5.21 -3.24
C ASP A 136 13.29 -6.57 -3.13
N THR A 137 12.67 -6.81 -1.98
CA THR A 137 11.96 -8.06 -1.74
C THR A 137 10.80 -8.21 -2.71
N LEU A 138 10.00 -7.16 -2.85
CA LEU A 138 8.86 -7.16 -3.75
C LEU A 138 9.30 -7.45 -5.17
N ASN A 139 10.40 -6.83 -5.59
CA ASN A 139 10.93 -7.01 -6.91
C ASN A 139 11.44 -8.41 -7.16
N LYS A 140 12.08 -9.00 -6.17
CA LYS A 140 12.61 -10.31 -6.27
C LYS A 140 11.51 -11.39 -6.34
N CYS A 141 10.39 -11.19 -5.67
CA CYS A 141 9.29 -12.11 -5.73
C CYS A 141 8.69 -12.01 -7.12
N ALA A 142 8.63 -10.85 -7.71
CA ALA A 142 8.10 -10.72 -9.00
C ALA A 142 8.90 -11.52 -9.99
N GLN A 143 10.22 -11.39 -9.92
CA GLN A 143 11.16 -12.02 -10.77
C GLN A 143 11.10 -13.53 -10.66
N GLU A 144 11.04 -14.04 -9.44
CA GLU A 144 10.87 -15.45 -9.16
C GLU A 144 9.64 -16.07 -9.80
N LEU A 145 8.55 -15.34 -9.88
CA LEU A 145 7.34 -15.77 -10.50
C LEU A 145 7.27 -15.39 -11.98
N ASN A 146 8.36 -14.86 -12.51
CA ASN A 146 8.45 -14.41 -13.89
C ASN A 146 7.35 -13.41 -14.28
N VAL A 147 7.02 -12.49 -13.39
CA VAL A 147 6.01 -11.53 -13.66
C VAL A 147 6.72 -10.26 -13.96
N PRO A 148 6.46 -9.69 -15.14
CA PRO A 148 7.12 -8.44 -15.47
C PRO A 148 6.49 -7.32 -14.66
N VAL A 149 7.28 -6.33 -14.28
CA VAL A 149 6.78 -5.20 -13.49
C VAL A 149 7.49 -3.91 -13.86
N PHE A 150 6.84 -2.80 -13.57
CA PHE A 150 7.46 -1.47 -13.67
C PHE A 150 7.85 -1.02 -12.28
N ASN A 151 8.71 -0.04 -12.21
CA ASN A 151 9.14 0.58 -11.00
C ASN A 151 9.01 2.09 -11.20
N GLY A 152 8.72 2.83 -10.13
CA GLY A 152 8.57 4.29 -10.18
C GLY A 152 7.86 4.95 -9.02
N ILE A 153 7.73 6.27 -9.14
CA ILE A 153 7.06 7.10 -8.19
C ILE A 153 5.56 7.11 -8.48
N SER A 154 4.74 7.04 -7.44
CA SER A 154 3.33 7.20 -7.50
C SER A 154 2.93 8.58 -7.03
N VAL A 155 1.98 9.20 -7.70
CA VAL A 155 1.42 10.42 -7.25
C VAL A 155 0.28 10.00 -6.29
N SER A 156 0.38 10.38 -5.04
CA SER A 156 -0.67 10.12 -4.09
C SER A 156 -1.55 11.35 -3.96
N SER A 157 -2.74 11.35 -4.48
CA SER A 157 -3.59 12.49 -4.36
C SER A 157 -4.91 12.34 -3.58
N ASP A 158 -5.25 13.35 -2.77
CA ASP A 158 -6.53 13.39 -2.07
C ASP A 158 -7.74 13.70 -3.00
N MET A 159 -7.47 14.14 -4.24
CA MET A 159 -8.54 14.40 -5.21
C MET A 159 -8.79 13.26 -6.20
N TYR A 160 -9.96 12.69 -6.22
CA TYR A 160 -10.31 11.67 -7.20
C TYR A 160 -11.10 12.30 -8.35
N TYR A 161 -12.09 13.11 -8.00
CA TYR A 161 -12.96 13.82 -8.95
C TYR A 161 -12.55 15.29 -9.16
N PRO A 162 -11.78 15.57 -10.21
CA PRO A 162 -11.39 16.99 -10.38
C PRO A 162 -12.54 17.93 -10.76
N ASN A 163 -12.39 19.20 -10.48
N ASN A 163 -12.30 19.22 -10.59
CA ASN A 163 -13.32 20.26 -10.92
CA ASN A 163 -13.22 20.29 -10.95
C ASN A 163 -12.60 21.01 -12.07
C ASN A 163 -12.51 21.07 -12.01
N LYS A 164 -13.12 22.12 -12.52
CA LYS A 164 -12.48 22.84 -13.59
C LYS A 164 -12.02 24.22 -13.29
N ILE A 165 -11.68 24.45 -12.04
CA ILE A 165 -11.24 25.77 -11.53
C ILE A 165 -9.74 25.73 -11.30
N ILE A 166 -9.29 24.78 -10.46
CA ILE A 166 -7.89 24.62 -10.13
C ILE A 166 -7.32 23.50 -10.98
N PRO A 167 -6.31 23.79 -11.81
CA PRO A 167 -5.79 22.69 -12.63
C PRO A 167 -5.18 21.56 -11.77
N SER A 168 -5.49 20.31 -12.12
CA SER A 168 -4.79 19.12 -11.62
C SER A 168 -3.30 19.14 -11.94
N ARG A 169 -2.49 18.65 -10.99
CA ARG A 169 -1.02 18.58 -11.21
C ARG A 169 -0.60 17.25 -11.86
N LEU A 170 -1.57 16.39 -12.16
CA LEU A 170 -1.25 15.04 -12.64
C LEU A 170 -0.42 15.07 -13.92
N GLU A 171 -0.80 15.96 -14.84
CA GLU A 171 0.00 16.22 -16.04
C GLU A 171 1.42 16.71 -15.76
N ASP A 172 1.60 17.62 -14.79
CA ASP A 172 2.96 18.05 -14.38
C ASP A 172 3.79 16.87 -13.91
N TYR A 173 3.17 16.01 -13.09
CA TYR A 173 3.90 14.91 -12.45
C TYR A 173 4.22 13.82 -13.44
N SER A 174 3.33 13.62 -14.42
CA SER A 174 3.60 12.74 -15.60
C SER A 174 4.81 13.19 -16.37
N LYS A 175 4.95 14.47 -16.56
CA LYS A 175 6.13 15.03 -17.23
C LYS A 175 7.39 14.93 -16.39
N ALA A 176 7.20 14.88 -15.08
CA ALA A 176 8.28 14.70 -14.11
C ALA A 176 8.68 13.25 -13.94
N ASN A 177 8.02 12.38 -14.72
CA ASN A 177 8.27 10.94 -14.84
C ASN A 177 7.66 10.10 -13.71
N ALA A 178 6.65 10.64 -13.03
CA ALA A 178 5.90 9.85 -12.08
C ALA A 178 5.10 8.84 -12.93
N ALA A 179 5.01 7.62 -12.43
CA ALA A 179 4.47 6.48 -13.19
C ALA A 179 2.99 6.28 -13.04
N VAL A 180 2.54 6.36 -11.78
CA VAL A 180 1.16 6.01 -11.41
C VAL A 180 0.55 6.99 -10.43
N VAL A 181 -0.72 6.85 -10.20
CA VAL A 181 -1.46 7.66 -9.30
C VAL A 181 -2.43 6.86 -8.43
N GLU A 182 -2.41 7.17 -7.16
CA GLU A 182 -3.29 6.57 -6.22
C GLU A 182 -3.54 7.53 -5.02
N MET A 183 -3.96 7.04 -3.88
CA MET A 183 -4.34 7.93 -2.83
C MET A 183 -3.80 7.75 -1.41
N GLU A 184 -2.92 6.82 -1.16
CA GLU A 184 -2.50 6.52 0.19
C GLU A 184 -1.05 6.19 0.46
N LEU A 185 -0.28 5.94 -0.58
CA LEU A 185 1.10 5.52 -0.46
C LEU A 185 2.02 6.51 0.21
N ALA A 186 1.91 7.75 -0.19
CA ALA A 186 2.73 8.77 0.42
C ALA A 186 2.55 8.86 1.93
N THR A 187 1.30 8.78 2.35
CA THR A 187 0.88 8.86 3.74
C THR A 187 1.50 7.70 4.49
N LEU A 188 1.38 6.51 3.90
CA LEU A 188 1.98 5.35 4.49
C LEU A 188 3.48 5.56 4.70
N MET A 189 4.16 6.05 3.67
CA MET A 189 5.62 6.16 3.66
C MET A 189 6.10 7.18 4.68
N VAL A 190 5.45 8.35 4.74
CA VAL A 190 5.84 9.36 5.74
C VAL A 190 5.62 8.83 7.17
N ILE A 191 4.43 8.29 7.43
CA ILE A 191 4.12 7.77 8.73
C ILE A 191 5.17 6.71 9.09
N GLY A 192 5.39 5.76 8.15
CA GLY A 192 6.43 4.69 8.28
C GLY A 192 7.78 5.21 8.70
N THR A 193 8.29 6.18 7.94
CA THR A 193 9.57 6.82 8.22
C THR A 193 9.61 7.46 9.62
N LEU A 194 8.58 8.23 9.95
CA LEU A 194 8.51 8.89 11.26
C LEU A 194 8.50 7.96 12.44
N ARG A 195 7.96 6.73 12.26
CA ARG A 195 7.78 5.73 13.34
C ARG A 195 8.72 4.53 13.26
N LYS A 196 9.75 4.65 12.41
CA LYS A 196 10.69 3.56 12.16
C LYS A 196 10.01 2.26 11.64
N VAL A 197 9.02 2.39 10.76
CA VAL A 197 8.39 1.26 10.15
C VAL A 197 8.73 1.23 8.67
N LYS A 198 9.15 0.06 8.24
CA LYS A 198 9.59 -0.18 6.89
C LYS A 198 8.37 -0.34 6.04
N THR A 199 8.27 0.38 4.95
CA THR A 199 7.06 0.34 4.10
C THR A 199 7.36 0.10 2.64
N GLY A 200 6.34 -0.30 1.90
CA GLY A 200 6.42 -0.34 0.46
C GLY A 200 5.06 -0.44 -0.16
N GLY A 201 5.02 -0.45 -1.49
CA GLY A 201 3.77 -0.44 -2.21
C GLY A 201 3.88 -1.12 -3.56
N ILE A 202 2.88 -1.93 -3.89
CA ILE A 202 2.77 -2.62 -5.18
C ILE A 202 1.37 -2.41 -5.64
N LEU A 203 1.26 -1.91 -6.86
CA LEU A 203 0.05 -1.55 -7.48
C LEU A 203 -0.29 -2.05 -8.88
N ILE A 204 -1.56 -2.31 -9.15
CA ILE A 204 -1.98 -2.77 -10.44
C ILE A 204 -2.75 -1.64 -11.14
N VAL A 205 -2.35 -1.28 -12.37
CA VAL A 205 -3.01 -0.24 -13.16
C VAL A 205 -4.41 -0.69 -13.62
N ASP A 206 -5.40 0.16 -13.37
CA ASP A 206 -6.81 -0.14 -13.70
C ASP A 206 -7.54 1.04 -14.40
N GLY A 207 -6.76 1.92 -15.00
CA GLY A 207 -7.26 3.13 -15.63
C GLY A 207 -6.15 4.12 -15.90
N CYS A 208 -6.56 5.24 -16.50
CA CYS A 208 -5.71 6.36 -16.83
C CYS A 208 -6.56 7.65 -16.74
N PRO A 209 -6.06 8.67 -16.00
CA PRO A 209 -6.79 9.95 -15.93
C PRO A 209 -6.75 10.77 -17.21
N PHE A 210 -5.86 10.45 -18.12
CA PHE A 210 -5.73 11.26 -19.32
C PHE A 210 -6.73 10.83 -20.43
N LYS A 211 -6.28 10.00 -21.37
CA LYS A 211 -6.79 9.97 -22.74
C LYS A 211 -6.90 8.54 -23.23
N HIS A 224 -5.99 -12.42 -14.46
CA HIS A 224 -4.69 -13.07 -14.32
C HIS A 224 -3.61 -12.17 -13.68
N GLN A 225 -3.51 -10.93 -14.18
CA GLN A 225 -2.52 -9.95 -13.70
C GLN A 225 -2.76 -9.59 -12.22
N LEU A 226 -4.02 -9.45 -11.83
CA LEU A 226 -4.40 -9.20 -10.44
C LEU A 226 -3.91 -10.30 -9.51
N GLU A 227 -4.25 -11.54 -9.84
CA GLU A 227 -3.81 -12.72 -9.12
C GLU A 227 -2.30 -12.73 -8.95
N ASN A 228 -1.57 -12.41 -10.02
CA ASN A 228 -0.11 -12.33 -9.97
C ASN A 228 0.34 -11.24 -9.00
N MET A 229 -0.30 -10.06 -9.05
CA MET A 229 0.02 -8.98 -8.14
C MET A 229 -0.10 -9.44 -6.65
N ILE A 230 -1.16 -10.17 -6.35
CA ILE A 230 -1.50 -10.64 -5.02
C ILE A 230 -0.47 -11.67 -4.58
N LYS A 231 -0.12 -12.56 -5.50
CA LYS A 231 0.90 -13.59 -5.28
C LYS A 231 2.21 -12.92 -4.88
N ILE A 232 2.58 -11.88 -5.63
CA ILE A 232 3.82 -11.15 -5.37
C ILE A 232 3.80 -10.56 -3.97
N ALA A 233 2.70 -9.88 -3.67
CA ALA A 233 2.51 -9.28 -2.35
C ALA A 233 2.54 -10.31 -1.24
N LEU A 234 1.80 -11.42 -1.37
CA LEU A 234 1.86 -12.46 -0.30
C LEU A 234 3.25 -13.09 -0.19
N GLY A 235 3.90 -13.24 -1.33
CA GLY A 235 5.28 -13.76 -1.34
C GLY A 235 6.22 -12.85 -0.56
N ALA A 236 6.19 -11.54 -0.89
CA ALA A 236 7.04 -10.60 -0.17
C ALA A 236 6.75 -10.61 1.34
N CYS A 237 5.47 -10.66 1.73
CA CYS A 237 5.11 -10.70 3.16
C CYS A 237 5.68 -11.93 3.85
N ALA A 238 5.55 -13.09 3.22
CA ALA A 238 6.16 -14.33 3.76
C ALA A 238 7.67 -14.21 3.87
N LYS A 239 8.32 -13.70 2.84
CA LYS A 239 9.79 -13.50 2.90
C LYS A 239 10.17 -12.60 4.04
N LEU A 240 9.47 -11.46 4.18
CA LEU A 240 9.81 -10.48 5.23
C LEU A 240 9.54 -11.01 6.63
N ALA A 241 8.40 -11.69 6.78
CA ALA A 241 7.97 -12.29 8.06
C ALA A 241 8.97 -13.28 8.63
N THR A 242 9.60 -14.04 7.73
CA THR A 242 10.58 -15.07 8.10
C THR A 242 11.68 -14.47 8.93
N LYS A 243 12.10 -13.27 8.61
CA LYS A 243 13.11 -12.58 9.35
C LYS A 243 12.79 -12.26 10.81
N TYR A 244 11.53 -12.07 11.16
CA TYR A 244 11.15 -11.76 12.55
C TYR A 244 10.70 -12.97 13.39
N ALA A 245 10.40 -14.09 12.75
CA ALA A 245 10.03 -15.34 13.44
C ALA A 245 11.27 -16.19 13.77
#